data_4C46
#
_entry.id   4C46
#
_cell.length_a   42.000
_cell.length_b   41.600
_cell.length_c   64.140
_cell.angle_alpha   90.00
_cell.angle_beta   95.48
_cell.angle_gamma   90.00
#
_symmetry.space_group_name_H-M   'P 1 21 1'
#
loop_
_entity.id
_entity.type
_entity.pdbx_description
1 polymer 'GENERAL CONTROL PROTEIN GCN4, GENERAL CONTROL PROTEIN GCN4'
2 non-polymer 'BROMIDE ION'
3 water water
#
_entity_poly.entity_id   1
_entity_poly.type   'polypeptide(L)'
_entity_poly.pdbx_seq_one_letter_code
;GGGSGMKQIEMKIEEILSKIYHIENEIARIKKLIEANDREINLVPASIKQIEWKIEEILSKIYHIENEIARIKKLI
;
_entity_poly.pdbx_strand_id   A,B,C
#
loop_
_chem_comp.id
_chem_comp.type
_chem_comp.name
_chem_comp.formula
BR non-polymer 'BROMIDE ION' 'Br -1'
#
# COMPACT_ATOMS: atom_id res chain seq x y z
N GLY A 5 -34.12 -33.14 -23.66
CA GLY A 5 -33.48 -33.88 -22.52
C GLY A 5 -31.97 -33.74 -22.62
N MET A 6 -31.38 -34.53 -23.50
CA MET A 6 -29.93 -34.49 -23.74
C MET A 6 -29.56 -33.13 -24.28
N LYS A 7 -30.37 -32.62 -25.22
CA LYS A 7 -30.07 -31.32 -25.84
C LYS A 7 -30.05 -30.18 -24.84
N GLN A 8 -31.01 -30.19 -23.91
CA GLN A 8 -31.03 -29.23 -22.76
C GLN A 8 -29.74 -29.35 -21.90
N ILE A 9 -29.34 -30.59 -21.59
CA ILE A 9 -28.22 -30.87 -20.70
C ILE A 9 -27.00 -30.37 -21.38
N GLU A 10 -26.86 -30.72 -22.64
CA GLU A 10 -25.72 -30.28 -23.41
C GLU A 10 -25.61 -28.77 -23.50
N MET A 11 -26.74 -28.11 -23.66
CA MET A 11 -26.73 -26.65 -23.71
C MET A 11 -26.32 -26.02 -22.36
N LYS A 12 -26.85 -26.55 -21.22
CA LYS A 12 -26.49 -26.06 -19.91
C LYS A 12 -24.99 -26.23 -19.62
N ILE A 13 -24.42 -27.37 -20.02
CA ILE A 13 -22.99 -27.67 -19.92
C ILE A 13 -22.10 -26.67 -20.64
N GLU A 14 -22.46 -26.40 -21.86
CA GLU A 14 -21.85 -25.31 -22.64
C GLU A 14 -21.96 -23.92 -21.97
N GLU A 15 -23.14 -23.48 -21.53
CA GLU A 15 -23.20 -22.31 -20.69
C GLU A 15 -22.19 -22.36 -19.48
N ILE A 16 -22.01 -23.52 -18.87
CA ILE A 16 -21.27 -23.62 -17.61
C ILE A 16 -19.82 -23.48 -17.94
N LEU A 17 -19.45 -24.18 -18.99
CA LEU A 17 -18.07 -24.05 -19.48
C LEU A 17 -17.67 -22.63 -19.87
N SER A 18 -18.56 -21.88 -20.51
CA SER A 18 -18.22 -20.50 -20.80
C SER A 18 -18.29 -19.63 -19.56
N LYS A 19 -19.16 -19.92 -18.58
CA LYS A 19 -19.05 -19.20 -17.32
C LYS A 19 -17.67 -19.42 -16.62
N ILE A 20 -17.24 -20.69 -16.49
CA ILE A 20 -15.94 -21.03 -15.98
C ILE A 20 -14.80 -20.39 -16.74
N TYR A 21 -14.92 -20.27 -18.04
CA TYR A 21 -13.77 -19.66 -18.78
C TYR A 21 -13.66 -18.15 -18.45
N HIS A 22 -14.81 -17.52 -18.23
CA HIS A 22 -14.88 -16.14 -17.88
C HIS A 22 -14.36 -15.94 -16.48
N ILE A 23 -14.76 -16.82 -15.55
CA ILE A 23 -14.19 -16.74 -14.22
C ILE A 23 -12.64 -16.88 -14.24
N GLU A 24 -12.10 -17.80 -15.02
CA GLU A 24 -10.64 -17.97 -15.07
C GLU A 24 -9.91 -16.73 -15.57
N ASN A 25 -10.51 -16.02 -16.52
CA ASN A 25 -9.93 -14.75 -17.00
C ASN A 25 -9.99 -13.60 -15.99
N GLU A 26 -11.11 -13.55 -15.24
CA GLU A 26 -11.29 -12.55 -14.18
C GLU A 26 -10.29 -12.78 -13.05
N ILE A 27 -10.11 -14.04 -12.67
CA ILE A 27 -9.05 -14.42 -11.78
C ILE A 27 -7.64 -14.03 -12.20
N ALA A 28 -7.35 -14.15 -13.52
CA ALA A 28 -6.07 -13.84 -14.05
C ALA A 28 -5.85 -12.33 -13.96
N ARG A 29 -6.88 -11.53 -14.27
CA ARG A 29 -6.78 -10.08 -14.13
C ARG A 29 -6.56 -9.70 -12.67
N ILE A 30 -7.29 -10.34 -11.78
CA ILE A 30 -7.24 -9.94 -10.41
C ILE A 30 -5.84 -10.17 -9.93
N LYS A 31 -5.23 -11.28 -10.31
CA LYS A 31 -3.88 -11.54 -9.89
C LYS A 31 -2.92 -10.42 -10.38
N LYS A 32 -3.14 -9.88 -11.57
CA LYS A 32 -2.25 -8.82 -12.02
C LYS A 32 -2.45 -7.54 -11.20
N LEU A 33 -3.71 -7.30 -10.78
CA LEU A 33 -4.04 -6.08 -10.01
C LEU A 33 -3.45 -6.15 -8.61
N ILE A 34 -3.48 -7.34 -8.03
CA ILE A 34 -2.84 -7.57 -6.72
C ILE A 34 -1.32 -7.36 -6.73
N GLU A 35 -0.65 -8.00 -7.68
CA GLU A 35 0.81 -7.81 -7.93
C GLU A 35 1.15 -6.35 -8.16
N ALA A 36 0.33 -5.59 -8.86
CA ALA A 36 0.62 -4.13 -9.02
C ALA A 36 0.37 -3.33 -7.72
N ASN A 37 -0.65 -3.67 -6.95
CA ASN A 37 -0.73 -3.08 -5.60
C ASN A 37 0.51 -3.46 -4.81
N ASP A 38 0.99 -4.67 -4.97
CA ASP A 38 2.15 -5.04 -4.20
C ASP A 38 3.31 -4.10 -4.51
N ARG A 39 3.52 -3.83 -5.81
CA ARG A 39 4.69 -3.11 -6.25
C ARG A 39 4.66 -1.74 -5.63
N GLU A 40 3.53 -1.05 -5.77
CA GLU A 40 3.41 0.31 -5.20
C GLU A 40 3.71 0.31 -3.70
N ILE A 41 3.11 -0.63 -2.94
CA ILE A 41 3.37 -0.78 -1.50
C ILE A 41 4.87 -0.90 -1.21
N ASN A 42 5.59 -1.61 -2.06
CA ASN A 42 7.03 -1.85 -1.82
C ASN A 42 7.93 -0.66 -2.13
N LEU A 43 7.42 0.30 -2.89
CA LEU A 43 8.19 1.52 -3.15
C LEU A 43 8.15 2.45 -1.90
N VAL A 44 7.33 2.13 -0.90
CA VAL A 44 7.16 3.06 0.24
C VAL A 44 8.31 3.03 1.27
N PRO A 45 8.72 1.82 1.70
CA PRO A 45 9.78 1.78 2.70
C PRO A 45 11.05 2.47 2.20
N ALA A 46 11.31 2.46 0.90
CA ALA A 46 12.41 3.25 0.36
C ALA A 46 12.22 4.73 0.60
N SER A 47 11.07 5.28 0.21
CA SER A 47 10.84 6.69 0.40
C SER A 47 10.96 7.05 1.85
N ILE A 48 10.41 6.22 2.74
CA ILE A 48 10.49 6.53 4.16
C ILE A 48 11.95 6.55 4.62
N LYS A 49 12.78 5.63 4.13
CA LYS A 49 14.22 5.57 4.51
C LYS A 49 14.97 6.80 4.07
N GLN A 50 14.67 7.36 2.93
CA GLN A 50 15.39 8.54 2.51
C GLN A 50 15.05 9.73 3.35
N ILE A 51 13.78 9.88 3.70
CA ILE A 51 13.43 10.90 4.63
C ILE A 51 14.13 10.79 5.97
N GLU A 52 14.20 9.56 6.50
CA GLU A 52 14.82 9.34 7.75
C GLU A 52 16.33 9.75 7.69
N TRP A 53 16.99 9.55 6.54
CA TRP A 53 18.38 9.98 6.41
C TRP A 53 18.47 11.49 6.47
N LYS A 54 17.56 12.17 5.81
CA LYS A 54 17.53 13.63 5.85
C LYS A 54 17.31 14.18 7.25
N ILE A 55 16.33 13.62 7.94
CA ILE A 55 16.14 13.95 9.33
C ILE A 55 17.39 13.79 10.25
N GLU A 56 18.10 12.68 10.09
CA GLU A 56 19.35 12.45 10.80
C GLU A 56 20.33 13.58 10.53
N GLU A 57 20.55 13.88 9.25
CA GLU A 57 21.41 14.98 8.83
C GLU A 57 21.02 16.29 9.48
N ILE A 58 19.70 16.59 9.57
CA ILE A 58 19.22 17.84 10.07
C ILE A 58 19.47 17.91 11.59
N LEU A 59 19.16 16.79 12.32
CA LEU A 59 19.43 16.71 13.76
C LEU A 59 20.89 16.82 14.06
N SER A 60 21.79 16.28 13.25
CA SER A 60 23.21 16.50 13.49
C SER A 60 23.59 17.98 13.23
N LYS A 61 22.97 18.60 12.23
CA LYS A 61 23.27 20.01 11.98
C LYS A 61 22.79 20.89 13.13
N ILE A 62 21.65 20.57 13.69
CA ILE A 62 21.13 21.32 14.84
C ILE A 62 22.01 21.16 16.12
N TYR A 63 22.48 19.95 16.39
CA TYR A 63 23.37 19.71 17.51
C TYR A 63 24.59 20.61 17.41
N HIS A 64 25.27 20.60 16.28
CA HIS A 64 26.38 21.46 16.05
C HIS A 64 26.06 22.95 16.21
N ILE A 65 24.91 23.40 15.70
CA ILE A 65 24.48 24.79 15.83
C ILE A 65 24.25 25.18 17.27
N GLU A 66 23.60 24.28 18.02
CA GLU A 66 23.47 24.52 19.44
C GLU A 66 24.85 24.68 20.11
N ASN A 67 25.81 23.86 19.73
CA ASN A 67 27.18 24.04 20.20
C ASN A 67 27.82 25.35 19.85
N GLU A 68 27.74 25.76 18.59
CA GLU A 68 28.25 27.06 18.21
C GLU A 68 27.59 28.08 19.13
N ILE A 69 26.29 28.00 19.34
CA ILE A 69 25.60 29.05 20.10
C ILE A 69 26.07 29.06 21.53
N ALA A 70 26.21 27.86 22.13
CA ALA A 70 26.64 27.81 23.52
C ALA A 70 28.01 28.49 23.66
N ARG A 71 28.89 28.36 22.66
CA ARG A 71 30.24 28.91 22.77
C ARG A 71 30.26 30.43 22.56
N ILE A 72 29.36 30.94 21.73
CA ILE A 72 29.23 32.36 21.53
C ILE A 72 28.83 33.02 22.85
N LYS A 73 27.80 32.49 23.47
CA LYS A 73 27.36 32.97 24.76
C LYS A 73 28.43 33.01 25.87
N LYS A 74 29.40 32.11 25.80
CA LYS A 74 30.54 32.11 26.75
C LYS A 74 31.49 33.28 26.54
N LEU A 75 31.76 33.60 25.29
CA LEU A 75 32.67 34.67 24.94
C LEU A 75 32.14 36.06 25.34
N ILE A 76 30.86 36.29 25.04
CA ILE A 76 30.25 37.62 25.22
C ILE A 76 29.80 37.85 26.68
N SER B 4 -33.19 -40.88 -14.83
CA SER B 4 -32.56 -41.55 -13.64
C SER B 4 -31.02 -41.36 -13.69
N GLY B 5 -30.37 -41.85 -14.73
CA GLY B 5 -29.03 -41.33 -15.18
C GLY B 5 -29.14 -39.82 -15.47
N MET B 6 -30.25 -39.41 -16.06
CA MET B 6 -30.48 -38.03 -16.47
C MET B 6 -30.80 -37.13 -15.31
N LYS B 7 -31.59 -37.69 -14.41
CA LYS B 7 -31.99 -37.01 -13.20
C LYS B 7 -30.77 -36.64 -12.39
N GLN B 8 -29.84 -37.59 -12.26
CA GLN B 8 -28.66 -37.32 -11.49
C GLN B 8 -27.72 -36.34 -12.16
N ILE B 9 -27.69 -36.33 -13.48
CA ILE B 9 -26.89 -35.31 -14.22
C ILE B 9 -27.52 -33.94 -13.94
N GLU B 10 -28.87 -33.89 -13.90
CA GLU B 10 -29.58 -32.64 -13.66
C GLU B 10 -29.37 -32.03 -12.26
N MET B 11 -29.32 -32.87 -11.24
CA MET B 11 -28.99 -32.42 -9.91
C MET B 11 -27.58 -31.87 -9.85
N LYS B 12 -26.65 -32.57 -10.50
CA LYS B 12 -25.27 -32.14 -10.51
C LYS B 12 -25.10 -30.79 -11.20
N ILE B 13 -25.78 -30.63 -12.31
CA ILE B 13 -25.77 -29.37 -13.01
C ILE B 13 -26.31 -28.28 -12.08
N GLU B 14 -27.37 -28.60 -11.30
CA GLU B 14 -27.98 -27.60 -10.43
C GLU B 14 -26.98 -27.14 -9.38
N GLU B 15 -26.33 -28.11 -8.71
CA GLU B 15 -25.29 -27.79 -7.74
C GLU B 15 -24.10 -26.99 -8.32
N ILE B 16 -23.68 -27.35 -9.53
CA ILE B 16 -22.59 -26.66 -10.16
C ILE B 16 -23.01 -25.19 -10.37
N LEU B 17 -24.19 -24.98 -10.90
CA LEU B 17 -24.62 -23.59 -11.15
C LEU B 17 -24.66 -22.82 -9.84
N SER B 18 -25.07 -23.52 -8.78
CA SER B 18 -25.09 -22.90 -7.51
C SER B 18 -23.70 -22.49 -7.00
N LYS B 19 -22.74 -23.40 -7.09
CA LYS B 19 -21.36 -23.07 -6.76
C LYS B 19 -20.81 -21.95 -7.61
N ILE B 20 -21.14 -21.97 -8.88
CA ILE B 20 -20.74 -20.83 -9.69
C ILE B 20 -21.33 -19.49 -9.27
N TYR B 21 -22.63 -19.46 -8.88
CA TYR B 21 -23.25 -18.26 -8.42
C TYR B 21 -22.47 -17.66 -7.22
N HIS B 22 -22.07 -18.50 -6.25
CA HIS B 22 -21.31 -18.10 -5.11
C HIS B 22 -19.90 -17.56 -5.50
N ILE B 23 -19.19 -18.34 -6.31
CA ILE B 23 -17.90 -17.89 -6.90
C ILE B 23 -18.01 -16.49 -7.46
N GLU B 24 -19.07 -16.21 -8.20
CA GLU B 24 -19.19 -14.92 -8.87
C GLU B 24 -19.37 -13.80 -7.85
N ASN B 25 -20.09 -14.09 -6.76
CA ASN B 25 -20.23 -13.12 -5.67
C ASN B 25 -18.90 -12.94 -4.90
N GLU B 26 -18.10 -13.99 -4.79
CA GLU B 26 -16.81 -13.89 -4.08
C GLU B 26 -15.82 -13.06 -4.88
N ILE B 27 -15.81 -13.24 -6.20
CA ILE B 27 -14.98 -12.44 -7.07
C ILE B 27 -15.38 -10.97 -7.02
N ALA B 28 -16.70 -10.73 -7.08
CA ALA B 28 -17.20 -9.38 -7.01
C ALA B 28 -16.74 -8.71 -5.74
N ARG B 29 -16.83 -9.42 -4.61
CA ARG B 29 -16.33 -8.90 -3.33
C ARG B 29 -14.80 -8.67 -3.33
N ILE B 30 -14.03 -9.52 -4.01
CA ILE B 30 -12.56 -9.45 -3.99
C ILE B 30 -12.12 -8.21 -4.70
N LYS B 31 -12.78 -7.91 -5.82
CA LYS B 31 -12.54 -6.68 -6.58
C LYS B 31 -12.71 -5.44 -5.77
N LYS B 32 -13.80 -5.36 -5.04
CA LYS B 32 -14.02 -4.26 -4.16
C LYS B 32 -12.81 -4.09 -3.23
N LEU B 33 -12.38 -5.17 -2.56
CA LEU B 33 -11.25 -5.08 -1.63
C LEU B 33 -9.90 -4.69 -2.30
N ILE B 34 -9.71 -5.04 -3.56
CA ILE B 34 -8.50 -4.63 -4.33
C ILE B 34 -8.58 -3.11 -4.68
N GLU B 35 -9.80 -2.62 -4.97
CA GLU B 35 -10.06 -1.17 -5.18
C GLU B 35 -9.92 -0.33 -3.89
N ALA B 36 -10.32 -0.92 -2.77
CA ALA B 36 -10.07 -0.35 -1.43
C ALA B 36 -8.56 -0.24 -1.09
N ASN B 37 -7.78 -1.27 -1.43
CA ASN B 37 -6.31 -1.18 -1.27
C ASN B 37 -5.65 -0.20 -2.23
N ASP B 38 -6.18 -0.05 -3.43
CA ASP B 38 -5.68 1.00 -4.35
C ASP B 38 -5.95 2.37 -3.64
N ARG B 39 -7.17 2.57 -3.10
CA ARG B 39 -7.55 3.83 -2.40
C ARG B 39 -6.60 4.19 -1.23
N GLU B 40 -6.23 3.22 -0.38
CA GLU B 40 -5.31 3.50 0.75
C GLU B 40 -3.87 3.73 0.29
N ILE B 41 -3.37 2.85 -0.56
CA ILE B 41 -2.06 3.04 -1.21
C ILE B 41 -1.93 4.43 -1.77
N ASN B 42 -3.01 4.95 -2.33
CA ASN B 42 -2.92 6.20 -3.09
C ASN B 42 -2.88 7.49 -2.30
N LEU B 43 -3.29 7.44 -1.04
CA LEU B 43 -3.14 8.57 -0.12
C LEU B 43 -1.64 8.83 0.19
N VAL B 44 -0.83 7.78 0.17
CA VAL B 44 0.54 7.88 0.68
C VAL B 44 1.45 8.84 -0.05
N PRO B 45 1.44 8.85 -1.39
CA PRO B 45 2.34 9.75 -2.07
C PRO B 45 2.23 11.21 -1.61
N ALA B 46 1.00 11.68 -1.36
CA ALA B 46 0.76 13.10 -1.01
C ALA B 46 1.35 13.42 0.35
N SER B 47 1.17 12.49 1.28
CA SER B 47 1.82 12.51 2.57
C SER B 47 3.33 12.68 2.51
N ILE B 48 3.97 11.91 1.63
CA ILE B 48 5.40 11.95 1.48
C ILE B 48 5.81 13.30 0.98
N LYS B 49 5.08 13.80 -0.03
CA LYS B 49 5.41 15.10 -0.64
C LYS B 49 5.28 16.18 0.45
N GLN B 50 4.25 16.11 1.28
CA GLN B 50 4.11 17.10 2.34
C GLN B 50 5.28 17.10 3.28
N ILE B 51 5.86 15.92 3.51
CA ILE B 51 7.04 15.87 4.36
C ILE B 51 8.30 16.43 3.69
N GLU B 52 8.50 16.07 2.43
CA GLU B 52 9.60 16.54 1.69
C GLU B 52 9.61 18.05 1.57
N TRP B 53 8.43 18.67 1.65
CA TRP B 53 8.34 20.14 1.63
C TRP B 53 8.72 20.74 2.98
N LYS B 54 8.26 20.16 4.10
CA LYS B 54 8.72 20.63 5.39
C LYS B 54 10.26 20.48 5.52
N ILE B 55 10.81 19.36 5.05
CA ILE B 55 12.29 19.19 5.07
C ILE B 55 13.04 20.27 4.28
N GLU B 56 12.53 20.59 3.09
CA GLU B 56 13.03 21.76 2.33
C GLU B 56 13.02 23.06 3.17
N GLU B 57 11.85 23.49 3.68
CA GLU B 57 11.77 24.59 4.64
C GLU B 57 12.88 24.53 5.68
N ILE B 58 13.03 23.37 6.32
CA ILE B 58 13.97 23.24 7.39
C ILE B 58 15.40 23.42 6.95
N LEU B 59 15.83 22.74 5.87
CA LEU B 59 17.19 22.92 5.38
C LEU B 59 17.49 24.39 5.04
N SER B 60 16.49 25.17 4.65
CA SER B 60 16.71 26.56 4.34
C SER B 60 16.79 27.39 5.59
N LYS B 61 15.98 27.12 6.60
CA LYS B 61 16.16 27.77 7.89
C LYS B 61 17.57 27.55 8.43
N ILE B 62 18.04 26.31 8.37
CA ILE B 62 19.36 25.98 8.86
C ILE B 62 20.48 26.71 8.12
N TYR B 63 20.42 26.76 6.79
CA TYR B 63 21.45 27.47 6.06
C TYR B 63 21.53 28.91 6.52
N HIS B 64 20.39 29.57 6.66
CA HIS B 64 20.37 30.96 7.08
C HIS B 64 20.88 31.13 8.52
N ILE B 65 20.55 30.17 9.37
CA ILE B 65 21.05 30.19 10.71
C ILE B 65 22.55 30.08 10.69
N GLU B 66 23.05 29.15 9.90
CA GLU B 66 24.51 28.97 9.83
C GLU B 66 25.22 30.27 9.41
N ASN B 67 24.61 30.99 8.47
CA ASN B 67 25.13 32.28 8.02
C ASN B 67 25.05 33.43 9.02
N GLU B 68 24.01 33.50 9.84
CA GLU B 68 23.94 34.49 10.92
C GLU B 68 24.99 34.21 11.97
N ILE B 69 25.12 32.92 12.32
CA ILE B 69 26.18 32.51 13.20
C ILE B 69 27.60 32.88 12.74
N ALA B 70 27.89 32.68 11.46
CA ALA B 70 29.16 33.04 10.87
C ALA B 70 29.37 34.56 11.01
N ARG B 71 28.33 35.36 10.86
CA ARG B 71 28.46 36.78 10.91
C ARG B 71 28.68 37.24 12.33
N ILE B 72 28.03 36.61 13.31
CA ILE B 72 28.24 36.87 14.69
C ILE B 72 29.67 36.58 15.12
N LYS B 73 30.21 35.42 14.67
CA LYS B 73 31.55 35.03 15.06
C LYS B 73 32.60 36.06 14.62
N LYS B 74 32.34 36.72 13.51
CA LYS B 74 33.27 37.74 12.99
C LYS B 74 33.16 39.03 13.78
N LEU B 75 32.01 39.26 14.42
CA LEU B 75 31.76 40.53 15.13
C LEU B 75 32.24 40.56 16.57
N ILE B 76 32.49 39.39 17.17
CA ILE B 76 32.86 39.32 18.60
C ILE B 76 34.34 39.02 18.83
N GLY C 3 -24.50 -45.52 -25.55
CA GLY C 3 -24.44 -44.58 -24.39
C GLY C 3 -23.40 -43.46 -24.46
N SER C 4 -22.65 -43.37 -25.57
CA SER C 4 -21.53 -42.39 -25.67
C SER C 4 -21.92 -40.89 -25.52
N GLY C 5 -23.18 -40.54 -25.84
CA GLY C 5 -23.70 -39.20 -25.54
C GLY C 5 -23.69 -39.01 -24.03
N MET C 6 -24.30 -39.94 -23.31
CA MET C 6 -24.31 -39.86 -21.83
C MET C 6 -22.91 -39.91 -21.23
N LYS C 7 -22.02 -40.64 -21.89
CA LYS C 7 -20.68 -40.78 -21.35
C LYS C 7 -19.93 -39.45 -21.49
N GLN C 8 -20.09 -38.84 -22.63
CA GLN C 8 -19.52 -37.56 -22.91
C GLN C 8 -20.02 -36.53 -21.88
N ILE C 9 -21.30 -36.64 -21.49
CA ILE C 9 -21.88 -35.72 -20.51
C ILE C 9 -21.25 -35.91 -19.18
N GLU C 10 -21.11 -37.14 -18.75
CA GLU C 10 -20.56 -37.43 -17.43
C GLU C 10 -19.09 -37.08 -17.38
N MET C 11 -18.40 -37.22 -18.50
CA MET C 11 -17.03 -36.73 -18.59
C MET C 11 -16.91 -35.22 -18.47
N LYS C 12 -17.78 -34.51 -19.15
CA LYS C 12 -17.68 -33.06 -19.12
C LYS C 12 -17.98 -32.61 -17.66
N ILE C 13 -18.91 -33.28 -17.00
CA ILE C 13 -19.25 -32.94 -15.62
C ILE C 13 -18.06 -33.07 -14.69
N GLU C 14 -17.32 -34.19 -14.78
CA GLU C 14 -16.19 -34.43 -13.94
C GLU C 14 -15.20 -33.31 -14.19
N GLU C 15 -14.88 -33.02 -15.47
CA GLU C 15 -13.96 -31.92 -15.80
C GLU C 15 -14.44 -30.58 -15.17
N ILE C 16 -15.76 -30.33 -15.18
CA ILE C 16 -16.28 -29.06 -14.65
C ILE C 16 -16.00 -29.03 -13.16
N LEU C 17 -16.25 -30.16 -12.46
CA LEU C 17 -16.13 -30.22 -11.01
C LEU C 17 -14.67 -30.01 -10.68
N SER C 18 -13.81 -30.52 -11.53
CA SER C 18 -12.41 -30.42 -11.31
C SER C 18 -11.89 -28.99 -11.50
N LYS C 19 -12.30 -28.33 -12.58
CA LYS C 19 -12.03 -26.90 -12.73
C LYS C 19 -12.59 -26.02 -11.53
N ILE C 20 -13.80 -26.30 -11.05
CA ILE C 20 -14.36 -25.57 -9.85
C ILE C 20 -13.47 -25.69 -8.63
N TYR C 21 -13.05 -26.90 -8.30
CA TYR C 21 -12.17 -27.14 -7.24
C TYR C 21 -10.92 -26.28 -7.32
N HIS C 22 -10.32 -26.21 -8.50
CA HIS C 22 -9.14 -25.44 -8.66
C HIS C 22 -9.47 -23.91 -8.51
N ILE C 23 -10.62 -23.46 -9.05
CA ILE C 23 -11.05 -22.04 -8.89
C ILE C 23 -11.18 -21.70 -7.40
N GLU C 24 -11.82 -22.58 -6.64
CA GLU C 24 -12.02 -22.33 -5.20
C GLU C 24 -10.67 -22.20 -4.50
N ASN C 25 -9.72 -22.99 -4.92
CA ASN C 25 -8.41 -22.87 -4.39
C ASN C 25 -7.63 -21.63 -4.83
N GLU C 26 -7.77 -21.19 -6.07
CA GLU C 26 -7.11 -19.95 -6.51
C GLU C 26 -7.67 -18.79 -5.66
N ILE C 27 -8.97 -18.81 -5.41
CA ILE C 27 -9.64 -17.75 -4.63
C ILE C 27 -9.09 -17.71 -3.21
N ALA C 28 -8.98 -18.86 -2.56
CA ALA C 28 -8.47 -18.88 -1.21
C ALA C 28 -7.07 -18.23 -1.24
N ARG C 29 -6.24 -18.52 -2.26
CA ARG C 29 -4.95 -17.83 -2.36
C ARG C 29 -5.08 -16.32 -2.48
N ILE C 30 -5.94 -15.88 -3.37
CA ILE C 30 -6.08 -14.52 -3.70
C ILE C 30 -6.43 -13.75 -2.45
N LYS C 31 -7.37 -14.27 -1.68
CA LYS C 31 -7.72 -13.64 -0.43
C LYS C 31 -6.53 -13.49 0.53
N LYS C 32 -5.63 -14.47 0.62
CA LYS C 32 -4.44 -14.29 1.45
C LYS C 32 -3.47 -13.23 0.90
N LEU C 33 -3.35 -13.17 -0.40
CA LEU C 33 -2.48 -12.15 -1.02
C LEU C 33 -2.98 -10.77 -0.65
N ILE C 34 -4.30 -10.61 -0.70
CA ILE C 34 -4.94 -9.33 -0.41
C ILE C 34 -4.71 -8.94 1.05
N GLU C 35 -4.92 -9.89 1.95
CA GLU C 35 -4.58 -9.73 3.36
C GLU C 35 -3.09 -9.40 3.60
N ALA C 36 -2.21 -10.07 2.87
CA ALA C 36 -0.78 -9.72 2.92
C ALA C 36 -0.57 -8.23 2.53
N ASN C 37 -1.32 -7.73 1.55
CA ASN C 37 -1.15 -6.37 1.06
C ASN C 37 -1.83 -5.43 2.04
N ASP C 38 -2.95 -5.87 2.62
CA ASP C 38 -3.70 -5.12 3.63
C ASP C 38 -2.79 -4.78 4.83
N ARG C 39 -2.03 -5.76 5.30
CA ARG C 39 -1.17 -5.67 6.47
C ARG C 39 -0.02 -4.66 6.28
N GLU C 40 0.63 -4.70 5.13
CA GLU C 40 1.72 -3.75 4.81
C GLU C 40 1.23 -2.31 4.76
N ILE C 41 0.00 -2.16 4.27
CA ILE C 41 -0.62 -0.86 4.02
C ILE C 41 -0.88 -0.19 5.35
N ASN C 42 -1.31 -1.00 6.29
CA ASN C 42 -1.60 -0.53 7.63
C ASN C 42 -0.42 -0.09 8.45
N LEU C 43 0.79 -0.50 8.05
CA LEU C 43 1.98 -0.18 8.83
C LEU C 43 2.45 1.22 8.50
N VAL C 44 2.11 1.65 7.29
CA VAL C 44 2.62 2.91 6.78
C VAL C 44 2.27 4.10 7.69
N PRO C 45 0.96 4.30 8.02
CA PRO C 45 0.60 5.51 8.74
C PRO C 45 1.45 5.78 10.00
N ALA C 46 1.66 4.75 10.83
CA ALA C 46 2.50 4.87 12.01
C ALA C 46 3.87 5.39 11.68
N SER C 47 4.49 4.92 10.59
CA SER C 47 5.77 5.48 10.17
C SER C 47 5.66 6.92 9.78
N ILE C 48 4.59 7.29 9.09
CA ILE C 48 4.44 8.70 8.66
C ILE C 48 4.26 9.58 9.91
N LYS C 49 3.44 9.07 10.85
CA LYS C 49 3.08 9.80 12.05
C LYS C 49 4.33 10.11 12.83
N GLN C 50 5.15 9.08 13.01
CA GLN C 50 6.49 9.24 13.65
C GLN C 50 7.44 10.22 13.00
N ILE C 51 7.46 10.28 11.68
CA ILE C 51 8.27 11.28 11.04
C ILE C 51 7.69 12.70 11.33
N GLU C 52 6.36 12.78 11.29
CA GLU C 52 5.66 14.01 11.53
C GLU C 52 5.97 14.55 12.97
N TRP C 53 5.98 13.71 14.00
CA TRP C 53 6.39 14.17 15.36
CA TRP C 53 6.36 14.20 15.33
C TRP C 53 7.84 14.65 15.31
N LYS C 54 8.68 13.99 14.52
CA LYS C 54 10.12 14.35 14.48
C LYS C 54 10.26 15.71 13.87
N ILE C 55 9.54 15.93 12.81
CA ILE C 55 9.61 17.21 12.17
C ILE C 55 9.15 18.31 13.11
N GLU C 56 8.07 18.07 13.84
CA GLU C 56 7.48 19.15 14.66
C GLU C 56 8.53 19.51 15.69
N GLU C 57 9.25 18.49 16.18
CA GLU C 57 10.22 18.70 17.20
C GLU C 57 11.47 19.44 16.71
N ILE C 58 11.80 19.30 15.41
CA ILE C 58 12.89 19.99 14.77
C ILE C 58 12.51 21.48 14.61
N LEU C 59 11.27 21.69 14.22
CA LEU C 59 10.76 23.04 13.98
C LEU C 59 10.73 23.82 15.27
N SER C 60 10.38 23.15 16.38
CA SER C 60 10.45 23.73 17.70
C SER C 60 11.88 24.13 18.06
N LYS C 61 12.83 23.20 17.93
CA LYS C 61 14.22 23.46 18.22
C LYS C 61 14.76 24.64 17.37
N ILE C 62 14.28 24.76 16.14
CA ILE C 62 14.75 25.86 15.26
C ILE C 62 14.15 27.22 15.68
N TYR C 63 12.88 27.18 16.11
CA TYR C 63 12.22 28.34 16.67
C TYR C 63 13.04 28.95 17.80
N HIS C 64 13.39 28.12 18.78
CA HIS C 64 14.24 28.49 19.88
C HIS C 64 15.63 29.00 19.48
N ILE C 65 16.24 28.30 18.58
CA ILE C 65 17.55 28.71 18.07
C ILE C 65 17.42 30.12 17.48
N GLU C 66 16.39 30.37 16.72
CA GLU C 66 16.24 31.69 16.08
C GLU C 66 16.08 32.83 17.11
N ASN C 67 15.48 32.48 18.25
CA ASN C 67 15.25 33.42 19.32
C ASN C 67 16.52 33.65 20.15
N GLU C 68 17.29 32.59 20.35
CA GLU C 68 18.65 32.74 20.92
C GLU C 68 19.54 33.65 20.06
N ILE C 69 19.59 33.41 18.76
CA ILE C 69 20.31 34.29 17.87
C ILE C 69 19.81 35.75 17.96
N ALA C 70 18.47 35.95 17.97
CA ALA C 70 17.95 37.27 18.03
C ALA C 70 18.44 37.98 19.29
N ARG C 71 18.41 37.27 20.43
CA ARG C 71 19.02 37.78 21.68
C ARG C 71 20.49 38.21 21.48
N ILE C 72 21.34 37.29 21.01
CA ILE C 72 22.76 37.55 20.81
C ILE C 72 23.03 38.79 19.94
N LYS C 73 22.24 38.97 18.91
CA LYS C 73 22.38 40.13 18.01
C LYS C 73 22.17 41.44 18.70
N LYS C 74 21.19 41.47 19.61
CA LYS C 74 20.80 42.66 20.31
C LYS C 74 21.84 43.00 21.37
N LEU C 75 22.65 42.03 21.81
CA LEU C 75 23.65 42.31 22.85
C LEU C 75 24.94 42.84 22.29
N ILE C 76 25.34 42.33 21.13
CA ILE C 76 26.66 42.64 20.60
C ILE C 76 26.73 43.98 19.80
BR BR D . -4.58 -5.94 -3.05
#